data_2RDE
#
_entry.id   2RDE
#
_cell.length_a   47.006
_cell.length_b   55.400
_cell.length_c   58.044
_cell.angle_alpha   99.880
_cell.angle_beta   97.090
_cell.angle_gamma   106.800
#
_symmetry.space_group_name_H-M   'P 1'
#
loop_
_entity.id
_entity.type
_entity.pdbx_description
1 polymer 'Uncharacterized protein VCA0042'
2 non-polymer "9,9'-[(2R,3R,3aS,5S,7aR,9R,10R,10aS,12S,14aR)-3,5,10,12-tetrahydroxy-5,12-dioxidooctahydro-2H,7H-difuro[3,2-d:3',2'-j][1,3,7,9,2,8]tetraoxadiphosphacyclododecine-2,9-diyl]bis(2-amino-1,9-dihydro-6H-purin-6-one)"
3 water water
#
_entity_poly.entity_id   1
_entity_poly.type   'polypeptide(L)'
_entity_poly.pdbx_seq_one_letter_code
;MGSSHHHHHHSSGLVPRGSHMTVSTINSTDALAMVEHSSELTLSITTPVGTKFVCRTPFIGTHTDKFLLVEMPKISADDL
QYFFQEGFWMNIRAISPRGEGALIHFRSQLMHILQEPVPMAFLSIPNTMQVSQLRKEPRFELNLAGKVLFDEHRGDCELR
DLSRSGCRFITPPLGKTYQVGDLVALEIFSDLRGTKTFPPLTGKICNLQRSLHHARYGLEFNEEGRNNAKNLLAQLKFNG
TKLTLNAEKKA
;
_entity_poly.pdbx_strand_id   A,B
#
loop_
_chem_comp.id
_chem_comp.type
_chem_comp.name
_chem_comp.formula
C2E non-polymer 9,9'-[(2R,3R,3aS,5S,7aR,9R,10R,10aS,12S,14aR)-3,5,10,12-tetrahydroxy-5,12-dioxidooctahydro-2H,7H-difuro[3,2-d:3',2'-j][1,3,7,9,2,8]tetraoxadiphosphacyclododecine-2,9-diyl]bis(2-amino-1,9-dihydro-6H-purin-6-one) 'C20 H24 N10 O14 P2'
#
# COMPACT_ATOMS: atom_id res chain seq x y z
N VAL A 23 -11.19 -20.31 2.23
CA VAL A 23 -11.29 -18.81 2.20
C VAL A 23 -11.73 -18.27 3.56
N SER A 24 -11.48 -16.97 3.78
CA SER A 24 -11.84 -16.30 5.04
C SER A 24 -12.69 -15.07 4.80
N THR A 25 -13.58 -14.77 5.74
CA THR A 25 -14.45 -13.61 5.63
C THR A 25 -13.96 -12.51 6.55
N ILE A 26 -13.74 -11.31 6.02
CA ILE A 26 -13.26 -10.21 6.84
C ILE A 26 -13.95 -8.90 6.49
N ASN A 27 -13.92 -7.95 7.41
CA ASN A 27 -14.58 -6.67 7.17
C ASN A 27 -13.99 -5.95 5.96
N SER A 28 -14.85 -5.25 5.24
CA SER A 28 -14.48 -4.52 4.04
C SER A 28 -13.39 -3.45 4.18
N THR A 29 -13.32 -2.80 5.33
CA THR A 29 -12.30 -1.78 5.50
C THR A 29 -10.92 -2.43 5.47
N ASP A 30 -10.76 -3.50 6.25
CA ASP A 30 -9.50 -4.22 6.32
C ASP A 30 -9.14 -4.90 5.00
N ALA A 31 -10.14 -5.47 4.33
CA ALA A 31 -9.91 -6.14 3.07
C ALA A 31 -9.40 -5.17 2.01
N LEU A 32 -10.09 -4.05 1.85
CA LEU A 32 -9.72 -3.04 0.86
C LEU A 32 -8.37 -2.38 1.16
N ALA A 33 -7.97 -2.45 2.43
CA ALA A 33 -6.69 -1.89 2.84
C ALA A 33 -5.56 -2.73 2.26
N MET A 34 -5.87 -3.97 1.88
CA MET A 34 -4.86 -4.84 1.31
C MET A 34 -4.74 -4.58 -0.19
N VAL A 35 -5.63 -3.76 -0.73
CA VAL A 35 -5.60 -3.47 -2.16
C VAL A 35 -4.96 -2.13 -2.45
N GLU A 36 -3.96 -2.13 -3.32
CA GLU A 36 -3.28 -0.89 -3.67
C GLU A 36 -4.15 -0.08 -4.64
N HIS A 37 -4.21 1.23 -4.44
CA HIS A 37 -5.02 2.05 -5.34
C HIS A 37 -4.43 1.96 -6.73
N SER A 38 -5.28 2.11 -7.74
CA SER A 38 -4.86 2.04 -9.12
C SER A 38 -4.67 0.61 -9.62
N SER A 39 -4.77 -0.38 -8.73
CA SER A 39 -4.63 -1.77 -9.14
C SER A 39 -5.87 -2.17 -9.96
N GLU A 40 -5.75 -3.24 -10.73
CA GLU A 40 -6.84 -3.70 -11.59
C GLU A 40 -7.90 -4.52 -10.87
N LEU A 41 -9.17 -4.26 -11.19
CA LEU A 41 -10.27 -5.01 -10.60
C LEU A 41 -10.97 -5.77 -11.72
N THR A 42 -11.50 -6.95 -11.40
CA THR A 42 -12.22 -7.72 -12.40
C THR A 42 -13.69 -7.67 -12.01
N LEU A 43 -14.50 -7.06 -12.87
CA LEU A 43 -15.93 -6.92 -12.62
C LEU A 43 -16.75 -7.92 -13.42
N SER A 44 -17.49 -8.77 -12.72
CA SER A 44 -18.36 -9.77 -13.37
C SER A 44 -19.79 -9.32 -13.12
N ILE A 45 -20.39 -8.69 -14.12
CA ILE A 45 -21.75 -8.17 -14.01
C ILE A 45 -22.84 -9.15 -14.45
N THR A 46 -23.94 -9.15 -13.70
CA THR A 46 -25.08 -10.02 -14.00
C THR A 46 -26.33 -9.17 -14.13
N THR A 47 -26.84 -9.03 -15.34
CA THR A 47 -28.04 -8.23 -15.57
C THR A 47 -29.27 -8.85 -14.92
N PRO A 48 -30.38 -8.10 -14.89
CA PRO A 48 -31.65 -8.53 -14.32
C PRO A 48 -32.19 -9.84 -14.93
N VAL A 49 -31.77 -10.13 -16.16
CA VAL A 49 -32.22 -11.34 -16.84
C VAL A 49 -31.26 -12.51 -16.70
N GLY A 50 -30.03 -12.23 -16.31
CA GLY A 50 -29.05 -13.30 -16.13
C GLY A 50 -27.86 -13.28 -17.06
N THR A 51 -27.88 -12.43 -18.07
CA THR A 51 -26.76 -12.34 -19.02
C THR A 51 -25.50 -11.83 -18.31
N LYS A 52 -24.42 -12.58 -18.41
CA LYS A 52 -23.16 -12.21 -17.77
C LYS A 52 -22.27 -11.33 -18.64
N PHE A 53 -21.37 -10.58 -17.99
CA PHE A 53 -20.43 -9.71 -18.67
C PHE A 53 -19.25 -9.40 -17.76
N VAL A 54 -18.05 -9.67 -18.25
CA VAL A 54 -16.83 -9.45 -17.47
C VAL A 54 -15.92 -8.42 -18.12
N CYS A 55 -15.37 -7.53 -17.30
CA CYS A 55 -14.45 -6.50 -17.79
C CYS A 55 -13.46 -6.13 -16.68
N ARG A 56 -12.38 -5.46 -17.07
CA ARG A 56 -11.35 -5.04 -16.12
C ARG A 56 -11.38 -3.52 -16.01
N THR A 57 -10.96 -3.01 -14.86
CA THR A 57 -10.90 -1.57 -14.67
C THR A 57 -10.11 -1.23 -13.41
N PRO A 58 -9.39 -0.10 -13.44
CA PRO A 58 -8.58 0.36 -12.31
C PRO A 58 -9.39 0.78 -11.08
N PHE A 59 -8.92 0.36 -9.91
CA PHE A 59 -9.52 0.70 -8.64
C PHE A 59 -9.02 2.11 -8.32
N ILE A 60 -9.92 3.04 -8.03
CA ILE A 60 -9.48 4.40 -7.70
C ILE A 60 -9.27 4.49 -6.20
N GLY A 61 -10.31 4.17 -5.45
CA GLY A 61 -10.22 4.23 -4.01
C GLY A 61 -11.60 4.20 -3.40
N THR A 62 -11.70 4.57 -2.13
CA THR A 62 -12.98 4.56 -1.45
C THR A 62 -13.30 5.91 -0.83
N HIS A 63 -14.57 6.24 -0.79
CA HIS A 63 -15.01 7.50 -0.18
C HIS A 63 -15.61 7.09 1.15
N THR A 64 -14.99 7.53 2.24
CA THR A 64 -15.44 7.17 3.58
C THR A 64 -15.77 5.67 3.55
N ASP A 65 -16.94 5.30 4.04
CA ASP A 65 -17.36 3.90 4.04
C ASP A 65 -18.60 3.80 3.16
N LYS A 66 -18.84 4.84 2.38
CA LYS A 66 -20.00 4.90 1.52
C LYS A 66 -19.85 4.38 0.10
N PHE A 67 -18.68 4.57 -0.51
CA PHE A 67 -18.52 4.13 -1.90
C PHE A 67 -17.17 3.63 -2.35
N LEU A 68 -17.21 2.67 -3.28
CA LEU A 68 -16.00 2.11 -3.88
C LEU A 68 -15.93 2.80 -5.25
N LEU A 69 -14.85 3.54 -5.49
CA LEU A 69 -14.71 4.26 -6.75
C LEU A 69 -13.81 3.54 -7.76
N VAL A 70 -14.29 3.44 -8.99
CA VAL A 70 -13.52 2.79 -10.06
C VAL A 70 -13.65 3.62 -11.33
N GLU A 71 -12.64 3.54 -12.18
CA GLU A 71 -12.67 4.26 -13.46
C GLU A 71 -13.63 3.51 -14.38
N MET A 72 -14.23 4.20 -15.34
CA MET A 72 -15.15 3.54 -16.27
C MET A 72 -14.36 2.57 -17.13
N PRO A 73 -14.83 1.33 -17.23
CA PRO A 73 -14.20 0.27 -18.02
C PRO A 73 -13.94 0.71 -19.46
N LYS A 74 -12.84 0.23 -20.03
CA LYS A 74 -12.50 0.56 -21.42
C LYS A 74 -13.29 -0.40 -22.31
N ILE A 75 -14.57 -0.09 -22.49
CA ILE A 75 -15.44 -0.92 -23.29
C ILE A 75 -16.26 -0.13 -24.31
N SER A 76 -17.04 -0.86 -25.11
CA SER A 76 -17.89 -0.26 -26.13
C SER A 76 -18.96 0.60 -25.47
N ALA A 77 -19.43 1.60 -26.20
CA ALA A 77 -20.46 2.50 -25.70
C ALA A 77 -21.79 1.77 -25.64
N ASP A 78 -21.83 0.58 -26.24
CA ASP A 78 -23.06 -0.20 -26.25
C ASP A 78 -23.12 -1.09 -25.01
N ASP A 79 -22.02 -1.79 -24.73
CA ASP A 79 -21.94 -2.66 -23.56
C ASP A 79 -21.95 -1.77 -22.33
N LEU A 80 -21.31 -0.61 -22.47
CA LEU A 80 -21.20 0.35 -21.39
C LEU A 80 -22.55 0.81 -20.84
N GLN A 81 -23.59 0.76 -21.67
CA GLN A 81 -24.91 1.19 -21.22
C GLN A 81 -25.94 0.07 -21.20
N TYR A 82 -25.50 -1.16 -21.47
CA TYR A 82 -26.40 -2.31 -21.46
C TYR A 82 -25.96 -3.31 -20.40
N PHE A 83 -24.71 -3.17 -19.95
CA PHE A 83 -24.15 -4.05 -18.92
C PHE A 83 -23.71 -3.24 -17.71
N PHE A 84 -23.46 -1.95 -17.94
CA PHE A 84 -23.01 -1.08 -16.87
C PHE A 84 -24.07 -0.03 -16.54
N GLN A 85 -25.12 -0.45 -15.84
CA GLN A 85 -26.19 0.47 -15.46
C GLN A 85 -26.37 0.46 -13.94
N GLU A 86 -26.90 1.55 -13.41
CA GLU A 86 -27.12 1.68 -11.98
C GLU A 86 -28.12 0.64 -11.48
N GLY A 87 -27.80 0.04 -10.32
CA GLY A 87 -28.67 -0.96 -9.75
C GLY A 87 -28.19 -2.37 -10.02
N PHE A 88 -27.50 -2.56 -11.15
CA PHE A 88 -26.98 -3.87 -11.52
C PHE A 88 -25.95 -4.38 -10.54
N TRP A 89 -26.01 -5.67 -10.23
CA TRP A 89 -25.08 -6.29 -9.31
C TRP A 89 -23.88 -6.90 -10.03
N MET A 90 -22.81 -7.12 -9.28
CA MET A 90 -21.60 -7.68 -9.86
C MET A 90 -20.71 -8.32 -8.82
N ASN A 91 -19.86 -9.23 -9.27
CA ASN A 91 -18.92 -9.89 -8.39
C ASN A 91 -17.59 -9.26 -8.75
N ILE A 92 -16.92 -8.69 -7.75
CA ILE A 92 -15.65 -8.03 -7.98
C ILE A 92 -14.49 -8.82 -7.40
N ARG A 93 -13.39 -8.85 -8.15
CA ARG A 93 -12.20 -9.55 -7.72
C ARG A 93 -11.05 -8.55 -7.65
N ALA A 94 -10.35 -8.54 -6.52
CA ALA A 94 -9.22 -7.64 -6.35
C ALA A 94 -8.05 -8.50 -5.89
N ILE A 95 -6.84 -7.96 -5.96
CA ILE A 95 -5.67 -8.71 -5.56
C ILE A 95 -4.76 -7.94 -4.61
N SER A 96 -4.25 -8.63 -3.58
CA SER A 96 -3.30 -8.04 -2.64
C SER A 96 -1.99 -8.75 -3.00
N PRO A 97 -1.06 -8.03 -3.63
CA PRO A 97 0.25 -8.46 -4.10
C PRO A 97 1.36 -8.86 -3.12
N ARG A 98 1.39 -8.26 -1.94
CA ARG A 98 2.47 -8.53 -0.98
C ARG A 98 2.51 -9.90 -0.34
N GLY A 99 3.74 -10.37 -0.08
CA GLY A 99 3.95 -11.66 0.56
C GLY A 99 3.35 -12.85 -0.14
N GLU A 100 2.50 -13.59 0.56
CA GLU A 100 1.85 -14.75 -0.04
C GLU A 100 0.70 -14.27 -0.92
N GLY A 101 0.45 -12.97 -0.89
CA GLY A 101 -0.61 -12.41 -1.70
C GLY A 101 -1.97 -12.90 -1.25
N ALA A 102 -3.02 -12.28 -1.81
CA ALA A 102 -4.37 -12.66 -1.47
C ALA A 102 -5.34 -12.30 -2.58
N LEU A 103 -6.37 -13.12 -2.70
CA LEU A 103 -7.39 -12.92 -3.70
C LEU A 103 -8.58 -12.38 -2.90
N ILE A 104 -9.18 -11.30 -3.35
CA ILE A 104 -10.31 -10.70 -2.62
C ILE A 104 -11.55 -10.66 -3.49
N HIS A 105 -12.63 -11.27 -2.99
CA HIS A 105 -13.90 -11.32 -3.72
C HIS A 105 -15.07 -10.78 -2.90
N PHE A 106 -15.98 -10.07 -3.57
CA PHE A 106 -17.15 -9.54 -2.89
C PHE A 106 -18.19 -9.11 -3.89
N ARG A 107 -19.43 -8.92 -3.43
CA ARG A 107 -20.49 -8.49 -4.32
C ARG A 107 -20.79 -7.02 -4.07
N SER A 108 -21.04 -6.29 -5.13
CA SER A 108 -21.30 -4.87 -5.03
C SER A 108 -22.35 -4.41 -6.03
N GLN A 109 -23.07 -3.35 -5.67
CA GLN A 109 -24.09 -2.82 -6.55
C GLN A 109 -23.63 -1.48 -7.11
N LEU A 110 -23.82 -1.29 -8.41
CA LEU A 110 -23.44 -0.05 -9.06
C LEU A 110 -24.42 1.01 -8.58
N MET A 111 -23.94 1.97 -7.82
CA MET A 111 -24.83 3.00 -7.28
C MET A 111 -24.93 4.25 -8.15
N HIS A 112 -23.79 4.79 -8.57
CA HIS A 112 -23.78 6.00 -9.38
C HIS A 112 -22.78 5.97 -10.52
N ILE A 113 -23.10 6.69 -11.59
CA ILE A 113 -22.21 6.78 -12.73
C ILE A 113 -22.06 8.25 -13.08
N LEU A 114 -20.82 8.72 -13.21
CA LEU A 114 -20.56 10.12 -13.56
C LEU A 114 -19.70 10.21 -14.80
N GLN A 115 -19.90 11.27 -15.59
CA GLN A 115 -19.10 11.47 -16.79
C GLN A 115 -18.14 12.62 -16.54
N GLU A 116 -18.56 13.56 -15.70
CA GLU A 116 -17.76 14.73 -15.36
C GLU A 116 -17.48 14.81 -13.88
N PRO A 117 -16.33 15.39 -13.50
CA PRO A 117 -15.37 15.94 -14.47
C PRO A 117 -14.63 14.83 -15.21
N VAL A 118 -14.80 13.60 -14.74
CA VAL A 118 -14.16 12.45 -15.37
C VAL A 118 -15.05 11.23 -15.20
N PRO A 119 -15.01 10.31 -16.18
CA PRO A 119 -15.82 9.09 -16.16
C PRO A 119 -15.45 8.14 -15.02
N MET A 120 -16.39 7.90 -14.11
CA MET A 120 -16.12 7.00 -13.01
C MET A 120 -17.41 6.42 -12.43
N ALA A 121 -17.28 5.34 -11.69
CA ALA A 121 -18.43 4.67 -11.09
C ALA A 121 -18.30 4.52 -9.59
N PHE A 122 -19.44 4.65 -8.90
CA PHE A 122 -19.52 4.51 -7.45
C PHE A 122 -20.23 3.19 -7.15
N LEU A 123 -19.53 2.26 -6.52
CA LEU A 123 -20.07 0.95 -6.21
C LEU A 123 -20.29 0.81 -4.71
N SER A 124 -21.30 0.04 -4.32
CA SER A 124 -21.59 -0.17 -2.92
C SER A 124 -20.51 -1.05 -2.30
N ILE A 125 -20.36 -0.94 -0.99
CA ILE A 125 -19.39 -1.71 -0.26
C ILE A 125 -20.10 -2.61 0.75
N PRO A 126 -19.99 -3.93 0.58
CA PRO A 126 -20.66 -4.83 1.52
C PRO A 126 -19.94 -4.74 2.87
N ASN A 127 -20.53 -5.28 3.92
CA ASN A 127 -19.87 -5.20 5.22
C ASN A 127 -18.65 -6.11 5.28
N THR A 128 -18.64 -7.18 4.50
CA THR A 128 -17.50 -8.10 4.50
C THR A 128 -17.12 -8.56 3.10
N MET A 129 -15.94 -9.16 2.97
CA MET A 129 -15.47 -9.66 1.68
C MET A 129 -14.75 -10.98 1.97
N GLN A 130 -14.61 -11.81 0.94
CA GLN A 130 -13.91 -13.09 1.12
C GLN A 130 -12.47 -12.95 0.67
N VAL A 131 -11.56 -13.52 1.45
CA VAL A 131 -10.13 -13.46 1.14
C VAL A 131 -9.55 -14.87 1.10
N SER A 132 -8.69 -15.13 0.13
CA SER A 132 -8.09 -16.44 0.03
C SER A 132 -6.63 -16.34 -0.37
N GLN A 133 -5.84 -17.28 0.14
CA GLN A 133 -4.42 -17.31 -0.15
C GLN A 133 -4.20 -17.44 -1.65
N LEU A 134 -3.27 -16.66 -2.17
CA LEU A 134 -2.96 -16.63 -3.59
C LEU A 134 -1.74 -17.46 -4.01
N ARG A 135 -0.76 -17.59 -3.12
CA ARG A 135 0.46 -18.31 -3.44
C ARG A 135 0.88 -19.36 -2.42
N LYS A 136 1.71 -20.30 -2.85
CA LYS A 136 2.16 -21.37 -1.96
C LYS A 136 3.17 -20.85 -0.96
N GLU A 137 3.88 -19.78 -1.34
CA GLU A 137 4.90 -19.19 -0.46
C GLU A 137 5.01 -17.70 -0.74
N PRO A 138 5.60 -16.95 0.18
CA PRO A 138 5.72 -15.50 -0.03
C PRO A 138 6.75 -15.06 -1.07
N ARG A 139 6.49 -13.90 -1.66
CA ARG A 139 7.40 -13.30 -2.62
C ARG A 139 7.91 -12.07 -1.87
N PHE A 140 9.23 -11.90 -1.86
CA PHE A 140 9.84 -10.78 -1.16
C PHE A 140 10.21 -9.69 -2.16
N GLU A 141 9.82 -8.46 -1.86
CA GLU A 141 10.14 -7.37 -2.77
C GLU A 141 11.57 -6.92 -2.61
N LEU A 142 12.12 -6.38 -3.70
CA LEU A 142 13.49 -5.90 -3.76
C LEU A 142 13.68 -5.19 -5.10
N ASN A 143 14.84 -4.57 -5.29
CA ASN A 143 15.15 -3.90 -6.54
C ASN A 143 16.63 -4.14 -6.76
N LEU A 144 16.96 -5.22 -7.48
CA LEU A 144 18.35 -5.57 -7.73
C LEU A 144 18.67 -5.57 -9.21
N ALA A 145 19.60 -4.72 -9.63
CA ALA A 145 19.97 -4.64 -11.03
C ALA A 145 20.71 -5.91 -11.46
N GLY A 146 20.54 -6.28 -12.72
CA GLY A 146 21.21 -7.46 -13.23
C GLY A 146 21.14 -7.55 -14.74
N LYS A 147 21.48 -8.72 -15.26
CA LYS A 147 21.45 -8.98 -16.68
C LYS A 147 20.65 -10.26 -16.92
N VAL A 148 19.92 -10.30 -18.01
CA VAL A 148 19.13 -11.47 -18.35
C VAL A 148 19.77 -12.14 -19.58
N LEU A 149 20.06 -13.43 -19.47
CA LEU A 149 20.68 -14.18 -20.55
C LEU A 149 19.64 -15.02 -21.28
N PHE A 150 19.75 -15.08 -22.61
CA PHE A 150 18.85 -15.84 -23.45
C PHE A 150 19.48 -15.96 -24.83
N ASP A 151 19.92 -17.16 -25.20
CA ASP A 151 20.56 -17.35 -26.48
C ASP A 151 21.75 -16.39 -26.54
N GLU A 152 21.89 -15.66 -27.64
CA GLU A 152 23.01 -14.73 -27.75
C GLU A 152 22.80 -13.44 -26.96
N HIS A 153 21.59 -13.19 -26.51
CA HIS A 153 21.29 -11.95 -25.80
C HIS A 153 21.70 -11.88 -24.33
N ARG A 154 22.04 -10.68 -23.91
CA ARG A 154 22.38 -10.38 -22.53
C ARG A 154 21.97 -8.95 -22.35
N GLY A 155 20.80 -8.75 -21.76
CA GLY A 155 20.31 -7.39 -21.59
C GLY A 155 20.07 -6.98 -20.15
N ASP A 156 19.82 -5.70 -19.97
CA ASP A 156 19.56 -5.18 -18.63
C ASP A 156 18.23 -5.66 -18.10
N CYS A 157 18.16 -5.79 -16.79
CA CYS A 157 16.94 -6.20 -16.12
C CYS A 157 17.08 -5.80 -14.67
N GLU A 158 15.98 -5.88 -13.94
CA GLU A 158 15.99 -5.57 -12.52
C GLU A 158 15.08 -6.57 -11.86
N LEU A 159 15.59 -7.20 -10.81
CA LEU A 159 14.81 -8.18 -10.06
C LEU A 159 13.86 -7.35 -9.19
N ARG A 160 12.57 -7.67 -9.25
CA ARG A 160 11.54 -6.95 -8.47
C ARG A 160 11.01 -7.73 -7.27
N ASP A 161 11.05 -9.05 -7.36
CA ASP A 161 10.69 -9.88 -6.23
C ASP A 161 11.32 -11.25 -6.38
N LEU A 162 11.48 -11.92 -5.26
CA LEU A 162 12.14 -13.22 -5.25
C LEU A 162 11.50 -14.15 -4.23
N SER A 163 11.32 -15.40 -4.62
CA SER A 163 10.75 -16.39 -3.71
C SER A 163 11.71 -17.58 -3.75
N ARG A 164 11.44 -18.63 -2.97
CA ARG A 164 12.32 -19.77 -3.01
C ARG A 164 12.17 -20.51 -4.34
N SER A 165 10.98 -20.42 -4.93
CA SER A 165 10.70 -21.12 -6.18
C SER A 165 10.70 -20.27 -7.45
N GLY A 166 10.79 -18.95 -7.33
CA GLY A 166 10.77 -18.15 -8.54
C GLY A 166 11.06 -16.68 -8.31
N CYS A 167 10.79 -15.86 -9.33
CA CYS A 167 11.04 -14.44 -9.19
C CYS A 167 10.35 -13.62 -10.27
N ARG A 168 10.41 -12.31 -10.10
CA ARG A 168 9.85 -11.38 -11.05
C ARG A 168 10.96 -10.42 -11.45
N PHE A 169 11.12 -10.19 -12.75
CA PHE A 169 12.12 -9.23 -13.20
C PHE A 169 11.50 -8.39 -14.31
N ILE A 170 12.07 -7.21 -14.52
CA ILE A 170 11.57 -6.33 -15.57
C ILE A 170 12.72 -5.95 -16.50
N THR A 171 12.37 -5.61 -17.74
CA THR A 171 13.35 -5.22 -18.74
C THR A 171 12.83 -4.01 -19.51
N PRO A 172 13.71 -3.33 -20.26
CA PRO A 172 13.31 -2.16 -21.04
C PRO A 172 12.34 -2.53 -22.15
N PRO A 173 11.43 -1.61 -22.50
CA PRO A 173 10.44 -1.87 -23.55
C PRO A 173 11.08 -2.32 -24.87
N LEU A 174 12.22 -1.75 -25.21
CA LEU A 174 12.88 -2.12 -26.47
C LEU A 174 13.78 -3.36 -26.38
N GLY A 175 13.95 -3.87 -25.17
CA GLY A 175 14.79 -5.06 -24.99
C GLY A 175 14.16 -6.32 -25.56
N LYS A 176 14.99 -7.35 -25.70
CA LYS A 176 14.56 -8.64 -26.22
C LYS A 176 13.39 -9.17 -25.38
N THR A 177 12.35 -9.67 -26.05
CA THR A 177 11.18 -10.18 -25.35
C THR A 177 11.20 -11.70 -25.27
N TYR A 178 10.53 -12.23 -24.26
CA TYR A 178 10.44 -13.68 -24.05
C TYR A 178 8.98 -14.06 -24.02
N GLN A 179 8.70 -15.34 -24.23
CA GLN A 179 7.33 -15.82 -24.19
C GLN A 179 7.26 -16.95 -23.17
N VAL A 180 6.06 -17.23 -22.67
CA VAL A 180 5.87 -18.28 -21.69
C VAL A 180 6.59 -19.53 -22.20
N GLY A 181 7.33 -20.18 -21.31
CA GLY A 181 8.06 -21.37 -21.70
C GLY A 181 9.54 -21.15 -21.98
N ASP A 182 9.93 -19.94 -22.35
CA ASP A 182 11.34 -19.67 -22.62
C ASP A 182 12.17 -19.90 -21.38
N LEU A 183 13.36 -20.46 -21.58
CA LEU A 183 14.28 -20.71 -20.50
C LEU A 183 15.33 -19.59 -20.47
N VAL A 184 15.38 -18.81 -19.40
CA VAL A 184 16.35 -17.72 -19.29
C VAL A 184 17.16 -17.84 -18.01
N ALA A 185 18.18 -17.00 -17.90
CA ALA A 185 19.03 -16.99 -16.71
C ALA A 185 19.30 -15.54 -16.32
N LEU A 186 19.19 -15.24 -15.03
CA LEU A 186 19.42 -13.89 -14.55
C LEU A 186 20.72 -13.80 -13.74
N GLU A 187 21.58 -12.87 -14.11
CA GLU A 187 22.82 -12.64 -13.36
C GLU A 187 22.58 -11.36 -12.59
N ILE A 188 22.43 -11.48 -11.27
CA ILE A 188 22.17 -10.34 -10.41
C ILE A 188 23.45 -9.78 -9.83
N PHE A 189 23.69 -8.49 -10.06
CA PHE A 189 24.89 -7.86 -9.56
C PHE A 189 24.93 -7.90 -8.04
N SER A 190 26.12 -8.18 -7.50
CA SER A 190 26.29 -8.28 -6.06
C SER A 190 26.51 -6.91 -5.42
N ASP A 191 26.71 -5.89 -6.24
CA ASP A 191 26.92 -4.54 -5.75
C ASP A 191 26.85 -3.54 -6.91
N LEU A 192 27.15 -2.29 -6.63
CA LEU A 192 27.07 -1.24 -7.65
C LEU A 192 28.16 -1.25 -8.74
N ARG A 193 29.20 -2.07 -8.57
CA ARG A 193 30.26 -2.10 -9.59
C ARG A 193 29.72 -2.53 -10.95
N GLY A 194 28.70 -3.39 -10.96
CA GLY A 194 28.14 -3.86 -12.21
C GLY A 194 29.10 -4.83 -12.87
N THR A 195 29.87 -5.55 -12.06
CA THR A 195 30.83 -6.51 -12.57
C THR A 195 30.51 -7.89 -12.02
N LYS A 196 30.87 -8.13 -10.77
CA LYS A 196 30.59 -9.43 -10.16
C LYS A 196 29.10 -9.66 -9.93
N THR A 197 28.67 -10.90 -10.13
CA THR A 197 27.27 -11.26 -9.97
C THR A 197 27.09 -12.55 -9.19
N PHE A 198 25.88 -12.77 -8.71
CA PHE A 198 25.54 -13.98 -8.00
C PHE A 198 25.44 -15.03 -9.10
N PRO A 199 25.56 -16.32 -8.75
CA PRO A 199 25.47 -17.37 -9.77
C PRO A 199 24.10 -17.23 -10.44
N PRO A 200 23.97 -17.64 -11.70
CA PRO A 200 22.74 -17.58 -12.50
C PRO A 200 21.46 -18.11 -11.87
N LEU A 201 20.39 -17.32 -11.99
CA LEU A 201 19.07 -17.78 -11.50
C LEU A 201 18.40 -18.25 -12.78
N THR A 202 18.29 -19.56 -12.95
CA THR A 202 17.71 -20.12 -14.17
C THR A 202 16.29 -20.63 -13.98
N GLY A 203 15.45 -20.38 -14.98
CA GLY A 203 14.08 -20.83 -14.91
C GLY A 203 13.28 -20.54 -16.17
N LYS A 204 12.01 -20.96 -16.18
CA LYS A 204 11.14 -20.75 -17.34
C LYS A 204 10.16 -19.62 -17.08
N ILE A 205 9.88 -18.83 -18.11
CA ILE A 205 8.92 -17.74 -18.01
C ILE A 205 7.54 -18.37 -17.81
N CYS A 206 6.80 -17.90 -16.80
CA CYS A 206 5.46 -18.43 -16.54
C CYS A 206 4.37 -17.43 -16.88
N ASN A 207 4.73 -16.15 -16.80
CA ASN A 207 3.78 -15.11 -17.11
C ASN A 207 4.53 -13.87 -17.55
N LEU A 208 3.81 -12.94 -18.17
CA LEU A 208 4.44 -11.71 -18.63
C LEU A 208 3.39 -10.63 -18.80
N GLN A 209 3.83 -9.39 -18.74
CA GLN A 209 2.93 -8.25 -18.89
C GLN A 209 3.72 -7.04 -19.33
N ARG A 210 3.44 -6.56 -20.54
CA ARG A 210 4.14 -5.39 -21.06
C ARG A 210 3.45 -4.11 -20.60
N SER A 211 4.25 -3.10 -20.26
CA SER A 211 3.76 -1.80 -19.83
C SER A 211 4.40 -0.76 -20.74
N LEU A 212 4.14 0.51 -20.44
CA LEU A 212 4.69 1.60 -21.25
C LEU A 212 6.15 1.87 -20.89
N HIS A 213 6.50 1.62 -19.63
CA HIS A 213 7.86 1.86 -19.16
C HIS A 213 8.71 0.60 -19.01
N HIS A 214 8.12 -0.57 -19.23
CA HIS A 214 8.89 -1.80 -19.12
C HIS A 214 8.08 -3.07 -19.35
N ALA A 215 8.81 -4.16 -19.55
CA ALA A 215 8.24 -5.49 -19.75
C ALA A 215 8.47 -6.25 -18.44
N ARG A 216 7.42 -6.95 -17.98
CA ARG A 216 7.48 -7.71 -16.75
C ARG A 216 7.37 -9.20 -17.02
N TYR A 217 8.11 -9.99 -16.25
CA TYR A 217 8.11 -11.43 -16.43
C TYR A 217 8.10 -12.17 -15.10
N GLY A 218 7.35 -13.26 -15.05
CA GLY A 218 7.28 -14.08 -13.86
C GLY A 218 8.10 -15.31 -14.23
N LEU A 219 8.90 -15.81 -13.31
CA LEU A 219 9.75 -16.95 -13.60
C LEU A 219 9.67 -18.03 -12.54
N GLU A 220 9.73 -19.29 -12.96
CA GLU A 220 9.73 -20.41 -12.02
C GLU A 220 11.09 -21.10 -12.21
N PHE A 221 11.89 -21.16 -11.15
CA PHE A 221 13.23 -21.75 -11.21
C PHE A 221 13.29 -23.25 -11.45
N ASN A 222 14.38 -23.70 -12.04
CA ASN A 222 14.61 -25.14 -12.21
C ASN A 222 15.40 -25.44 -10.94
N GLU A 223 15.82 -26.69 -10.74
CA GLU A 223 16.55 -27.03 -9.52
C GLU A 223 17.78 -26.17 -9.23
N GLU A 224 18.57 -25.86 -10.25
CA GLU A 224 19.77 -25.05 -10.04
C GLU A 224 19.38 -23.63 -9.62
N GLY A 225 18.32 -23.11 -10.24
CA GLY A 225 17.86 -21.78 -9.91
C GLY A 225 17.46 -21.70 -8.45
N ARG A 226 16.78 -22.74 -7.96
CA ARG A 226 16.33 -22.76 -6.56
C ARG A 226 17.50 -22.73 -5.59
N ASN A 227 18.57 -23.45 -5.92
CA ASN A 227 19.72 -23.47 -5.05
C ASN A 227 20.40 -22.10 -5.05
N ASN A 228 20.48 -21.48 -6.22
CA ASN A 228 21.13 -20.17 -6.27
C ASN A 228 20.24 -19.08 -5.64
N ALA A 229 18.92 -19.23 -5.74
CA ALA A 229 18.00 -18.26 -5.13
C ALA A 229 18.17 -18.34 -3.62
N LYS A 230 18.19 -19.57 -3.11
CA LYS A 230 18.35 -19.82 -1.69
C LYS A 230 19.56 -19.08 -1.13
N ASN A 231 20.69 -19.16 -1.83
CA ASN A 231 21.89 -18.48 -1.38
C ASN A 231 21.76 -16.97 -1.49
N LEU A 232 21.07 -16.49 -2.52
CA LEU A 232 20.88 -15.06 -2.68
C LEU A 232 20.00 -14.54 -1.54
N LEU A 233 18.89 -15.22 -1.28
CA LEU A 233 18.01 -14.79 -0.20
C LEU A 233 18.79 -14.71 1.10
N ALA A 234 19.75 -15.62 1.27
CA ALA A 234 20.56 -15.66 2.48
C ALA A 234 21.45 -14.44 2.68
N GLN A 235 21.73 -13.70 1.61
CA GLN A 235 22.57 -12.50 1.70
C GLN A 235 21.74 -11.22 1.86
N LEU A 236 20.43 -11.33 1.68
CA LEU A 236 19.54 -10.17 1.78
C LEU A 236 19.04 -9.85 3.19
N LYS A 237 18.79 -8.57 3.44
CA LYS A 237 18.29 -8.10 4.72
C LYS A 237 17.05 -7.23 4.49
N PHE A 238 16.10 -7.32 5.41
CA PHE A 238 14.84 -6.57 5.33
C PHE A 238 15.01 -5.19 5.97
N ASN A 239 14.70 -4.12 5.23
CA ASN A 239 14.83 -2.77 5.77
C ASN A 239 13.48 -2.17 6.16
N GLY A 240 12.49 -3.01 6.39
CA GLY A 240 11.17 -2.51 6.77
C GLY A 240 10.26 -2.30 5.58
N THR A 241 10.84 -2.20 4.39
CA THR A 241 10.05 -2.02 3.17
C THR A 241 10.29 -3.18 2.20
N LYS A 242 11.56 -3.49 1.95
CA LYS A 242 11.89 -4.58 1.03
C LYS A 242 13.25 -5.20 1.39
N LEU A 243 13.66 -6.20 0.62
CA LEU A 243 14.94 -6.84 0.85
C LEU A 243 16.01 -6.02 0.15
N THR A 244 17.16 -5.91 0.78
CA THR A 244 18.26 -5.15 0.21
C THR A 244 19.58 -5.88 0.39
N LEU A 245 20.53 -5.59 -0.50
CA LEU A 245 21.85 -6.21 -0.46
C LEU A 245 22.77 -5.38 0.42
N ASN A 246 23.98 -5.88 0.65
CA ASN A 246 24.97 -5.20 1.48
C ASN A 246 25.51 -3.96 0.75
N THR B 22 19.67 13.26 0.23
CA THR B 22 18.55 12.28 0.28
C THR B 22 17.37 12.76 -0.57
N VAL B 23 17.08 14.05 -0.51
CA VAL B 23 15.97 14.63 -1.26
C VAL B 23 16.12 14.36 -2.75
N SER B 24 15.01 14.02 -3.40
CA SER B 24 15.03 13.73 -4.82
C SER B 24 13.70 14.09 -5.46
N THR B 25 13.69 14.14 -6.79
CA THR B 25 12.49 14.45 -7.55
C THR B 25 12.01 13.14 -8.18
N ILE B 26 10.72 12.87 -8.08
CA ILE B 26 10.18 11.63 -8.62
C ILE B 26 8.92 11.90 -9.43
N ASN B 27 8.69 11.12 -10.47
CA ASN B 27 7.50 11.32 -11.27
C ASN B 27 6.30 11.07 -10.35
N SER B 28 5.24 11.84 -10.58
CA SER B 28 4.04 11.75 -9.75
C SER B 28 3.41 10.36 -9.66
N THR B 29 3.36 9.64 -10.77
CA THR B 29 2.78 8.30 -10.75
C THR B 29 3.50 7.41 -9.73
N ASP B 30 4.82 7.36 -9.79
CA ASP B 30 5.57 6.52 -8.86
C ASP B 30 5.49 7.02 -7.43
N ALA B 31 5.49 8.35 -7.25
CA ALA B 31 5.42 8.93 -5.92
C ALA B 31 4.05 8.66 -5.27
N LEU B 32 2.97 8.85 -6.00
CA LEU B 32 1.66 8.58 -5.42
C LEU B 32 1.44 7.09 -5.17
N ALA B 33 2.14 6.23 -5.90
CA ALA B 33 2.01 4.78 -5.70
C ALA B 33 2.53 4.41 -4.32
N MET B 34 3.29 5.31 -3.72
CA MET B 34 3.86 5.11 -2.40
C MET B 34 2.87 5.47 -1.29
N VAL B 35 1.88 6.29 -1.63
CA VAL B 35 0.90 6.74 -0.65
C VAL B 35 -0.27 5.76 -0.61
N GLU B 36 -0.67 5.36 0.59
CA GLU B 36 -1.78 4.43 0.76
C GLU B 36 -3.11 5.14 0.65
N HIS B 37 -4.04 4.57 -0.10
CA HIS B 37 -5.35 5.19 -0.25
C HIS B 37 -6.03 5.30 1.11
N SER B 38 -6.78 6.38 1.30
CA SER B 38 -7.49 6.62 2.55
C SER B 38 -6.64 7.31 3.60
N SER B 39 -5.34 7.45 3.34
CA SER B 39 -4.44 8.10 4.31
C SER B 39 -4.63 9.61 4.31
N GLU B 40 -4.30 10.24 5.43
CA GLU B 40 -4.48 11.68 5.59
C GLU B 40 -3.45 12.53 4.84
N LEU B 41 -3.93 13.56 4.16
CA LEU B 41 -3.08 14.48 3.42
C LEU B 41 -3.12 15.82 4.17
N THR B 42 -2.02 16.57 4.13
CA THR B 42 -2.01 17.89 4.76
C THR B 42 -2.02 18.92 3.64
N LEU B 43 -3.08 19.73 3.61
CA LEU B 43 -3.24 20.76 2.59
C LEU B 43 -2.96 22.17 3.12
N SER B 44 -1.98 22.83 2.51
CA SER B 44 -1.58 24.19 2.88
C SER B 44 -1.98 25.08 1.72
N ILE B 45 -3.11 25.76 1.89
CA ILE B 45 -3.66 26.63 0.87
C ILE B 45 -3.29 28.10 1.06
N THR B 46 -2.95 28.74 -0.05
CA THR B 46 -2.60 30.16 -0.06
C THR B 46 -3.50 30.83 -1.09
N THR B 47 -4.61 31.39 -0.62
CA THR B 47 -5.54 32.07 -1.52
C THR B 47 -4.83 33.11 -2.37
N PRO B 48 -5.48 33.58 -3.43
CA PRO B 48 -4.88 34.59 -4.31
C PRO B 48 -4.64 35.96 -3.65
N VAL B 49 -5.03 36.07 -2.38
CA VAL B 49 -4.81 37.32 -1.63
C VAL B 49 -3.45 37.18 -0.99
N GLY B 50 -3.21 36.00 -0.41
CA GLY B 50 -1.96 35.72 0.27
C GLY B 50 -2.30 35.07 1.61
N THR B 51 -3.59 34.96 1.90
CA THR B 51 -4.07 34.36 3.15
C THR B 51 -3.77 32.86 3.11
N LYS B 52 -3.22 32.34 4.20
CA LYS B 52 -2.87 30.93 4.28
C LYS B 52 -3.77 30.15 5.23
N PHE B 53 -4.06 28.90 4.86
CA PHE B 53 -4.92 28.04 5.66
C PHE B 53 -4.38 26.61 5.62
N VAL B 54 -4.44 25.91 6.74
CA VAL B 54 -3.94 24.54 6.81
C VAL B 54 -5.01 23.56 7.30
N CYS B 55 -5.35 22.59 6.46
CA CYS B 55 -6.33 21.60 6.84
C CYS B 55 -5.85 20.22 6.42
N ARG B 56 -6.53 19.19 6.90
CA ARG B 56 -6.18 17.81 6.60
C ARG B 56 -7.40 17.06 6.10
N THR B 57 -7.20 16.15 5.16
CA THR B 57 -8.32 15.40 4.62
C THR B 57 -7.81 14.11 4.01
N PRO B 58 -8.67 13.08 3.97
CA PRO B 58 -8.31 11.78 3.41
C PRO B 58 -8.09 11.76 1.90
N PHE B 59 -7.04 11.03 1.50
CA PHE B 59 -6.67 10.84 0.11
C PHE B 59 -7.57 9.70 -0.37
N ILE B 60 -8.29 9.90 -1.47
CA ILE B 60 -9.15 8.85 -1.98
C ILE B 60 -8.35 8.00 -2.95
N GLY B 61 -7.80 8.66 -3.96
CA GLY B 61 -7.01 7.97 -4.97
C GLY B 61 -6.83 8.90 -6.14
N THR B 62 -6.48 8.35 -7.30
CA THR B 62 -6.29 9.16 -8.50
C THR B 62 -7.02 8.53 -9.66
N HIS B 63 -7.48 9.35 -10.59
CA HIS B 63 -8.14 8.84 -11.78
C HIS B 63 -7.07 8.95 -12.86
N THR B 64 -6.71 7.81 -13.45
CA THR B 64 -5.66 7.78 -14.47
C THR B 64 -4.53 8.69 -14.01
N ASP B 65 -4.05 9.55 -14.90
CA ASP B 65 -3.00 10.48 -14.53
C ASP B 65 -3.58 11.88 -14.64
N LYS B 66 -4.90 11.95 -14.48
CA LYS B 66 -5.60 13.22 -14.59
C LYS B 66 -5.80 13.95 -13.28
N PHE B 67 -6.57 13.36 -12.36
CA PHE B 67 -6.86 14.03 -11.11
C PHE B 67 -6.56 13.26 -9.83
N LEU B 68 -6.28 14.01 -8.78
CA LEU B 68 -6.03 13.48 -7.45
C LEU B 68 -7.35 13.72 -6.73
N LEU B 69 -7.99 12.66 -6.25
CA LEU B 69 -9.27 12.80 -5.55
C LEU B 69 -9.14 12.77 -4.05
N VAL B 70 -9.81 13.71 -3.38
CA VAL B 70 -9.77 13.77 -1.93
C VAL B 70 -11.16 14.06 -1.38
N GLU B 71 -11.38 13.66 -0.13
CA GLU B 71 -12.66 13.93 0.51
C GLU B 71 -12.63 15.39 0.97
N MET B 72 -13.80 16.01 1.11
CA MET B 72 -13.86 17.40 1.55
C MET B 72 -13.39 17.50 2.99
N PRO B 73 -12.51 18.48 3.28
CA PRO B 73 -11.97 18.70 4.62
C PRO B 73 -13.11 18.93 5.61
N LYS B 74 -12.98 18.36 6.81
CA LYS B 74 -13.99 18.52 7.83
C LYS B 74 -13.74 19.81 8.59
N ILE B 75 -13.98 20.93 7.92
CA ILE B 75 -13.79 22.25 8.49
C ILE B 75 -15.12 23.01 8.43
N SER B 76 -15.16 24.19 9.04
CA SER B 76 -16.36 25.00 9.06
C SER B 76 -16.70 25.49 7.66
N ALA B 77 -18.00 25.56 7.36
CA ALA B 77 -18.46 26.01 6.05
C ALA B 77 -17.79 27.31 5.62
N ASP B 78 -17.55 28.22 6.58
CA ASP B 78 -16.90 29.49 6.29
C ASP B 78 -15.57 29.21 5.61
N ASP B 79 -14.63 28.68 6.39
CA ASP B 79 -13.29 28.36 5.89
C ASP B 79 -13.40 27.57 4.59
N LEU B 80 -14.43 26.74 4.52
CA LEU B 80 -14.67 25.91 3.35
C LEU B 80 -14.87 26.74 2.08
N GLN B 81 -16.01 27.41 1.99
CA GLN B 81 -16.32 28.24 0.82
C GLN B 81 -15.32 29.39 0.68
N TYR B 82 -14.52 29.59 1.72
CA TYR B 82 -13.56 30.69 1.72
C TYR B 82 -12.13 30.30 1.33
N PHE B 83 -11.65 29.16 1.84
CA PHE B 83 -10.29 28.73 1.54
C PHE B 83 -10.25 27.56 0.56
N PHE B 84 -11.39 26.93 0.34
CA PHE B 84 -11.46 25.78 -0.54
C PHE B 84 -12.26 26.04 -1.80
N GLN B 85 -11.66 26.73 -2.78
CA GLN B 85 -12.38 27.02 -4.01
C GLN B 85 -11.60 26.65 -5.26
N GLU B 86 -12.33 26.28 -6.31
CA GLU B 86 -11.73 25.90 -7.59
C GLU B 86 -10.78 27.00 -8.04
N GLY B 87 -9.59 26.60 -8.49
CA GLY B 87 -8.61 27.58 -8.94
C GLY B 87 -7.52 27.81 -7.91
N PHE B 88 -7.88 27.72 -6.63
CA PHE B 88 -6.92 27.95 -5.56
C PHE B 88 -5.77 26.94 -5.58
N TRP B 89 -4.58 27.41 -5.22
CA TRP B 89 -3.41 26.54 -5.19
C TRP B 89 -3.08 26.10 -3.77
N MET B 90 -2.27 25.04 -3.65
CA MET B 90 -1.91 24.54 -2.33
C MET B 90 -0.69 23.64 -2.37
N ASN B 91 0.00 23.54 -1.25
CA ASN B 91 1.15 22.66 -1.16
C ASN B 91 0.64 21.47 -0.37
N ILE B 92 0.82 20.29 -0.93
CA ILE B 92 0.33 19.07 -0.29
C ILE B 92 1.45 18.20 0.25
N ARG B 93 1.21 17.65 1.42
CA ARG B 93 2.18 16.76 2.06
C ARG B 93 1.49 15.41 2.19
N ALA B 94 2.13 14.39 1.65
CA ALA B 94 1.58 13.03 1.71
C ALA B 94 2.63 12.15 2.36
N ILE B 95 2.20 11.01 2.88
CA ILE B 95 3.10 10.09 3.57
C ILE B 95 3.24 8.72 2.92
N SER B 96 4.48 8.22 2.86
CA SER B 96 4.78 6.87 2.37
C SER B 96 5.16 6.24 3.71
N PRO B 97 4.26 5.42 4.30
CA PRO B 97 4.40 4.74 5.59
C PRO B 97 5.31 3.54 5.80
N ARG B 98 5.69 2.85 4.75
CA ARG B 98 6.53 1.66 4.91
C ARG B 98 7.98 1.88 5.29
N GLY B 99 8.47 1.11 6.26
CA GLY B 99 9.86 1.20 6.68
C GLY B 99 10.31 2.55 7.18
N GLU B 100 11.35 3.11 6.55
CA GLU B 100 11.85 4.41 6.94
C GLU B 100 10.86 5.46 6.44
N GLY B 101 9.96 5.03 5.57
CA GLY B 101 8.94 5.91 5.03
C GLY B 101 9.51 7.04 4.20
N ALA B 102 8.66 7.99 3.83
CA ALA B 102 9.10 9.12 3.05
C ALA B 102 8.04 10.21 3.11
N LEU B 103 8.49 11.45 2.96
CA LEU B 103 7.59 12.59 2.97
C LEU B 103 7.48 13.01 1.50
N ILE B 104 6.26 13.03 0.97
CA ILE B 104 6.03 13.42 -0.42
C ILE B 104 5.39 14.80 -0.40
N HIS B 105 6.04 15.74 -1.07
CA HIS B 105 5.54 17.12 -1.09
C HIS B 105 5.39 17.62 -2.52
N PHE B 106 4.29 18.29 -2.80
CA PHE B 106 4.06 18.82 -4.14
C PHE B 106 3.02 19.93 -4.18
N ARG B 107 2.97 20.63 -5.30
CA ARG B 107 2.02 21.74 -5.49
C ARG B 107 0.88 21.27 -6.37
N SER B 108 -0.34 21.61 -5.97
CA SER B 108 -1.53 21.19 -6.69
C SER B 108 -2.61 22.26 -6.72
N GLN B 109 -3.44 22.24 -7.77
CA GLN B 109 -4.51 23.21 -7.92
C GLN B 109 -5.88 22.53 -7.80
N LEU B 110 -6.77 23.12 -7.01
CA LEU B 110 -8.10 22.58 -6.85
C LEU B 110 -8.82 22.83 -8.17
N MET B 111 -9.08 21.76 -8.92
CA MET B 111 -9.72 21.89 -10.21
C MET B 111 -11.24 21.78 -10.20
N HIS B 112 -11.77 20.83 -9.44
CA HIS B 112 -13.22 20.62 -9.38
C HIS B 112 -13.71 20.20 -8.01
N ILE B 113 -14.93 20.64 -7.70
CA ILE B 113 -15.59 20.32 -6.44
C ILE B 113 -16.96 19.75 -6.75
N LEU B 114 -17.24 18.56 -6.23
CA LEU B 114 -18.53 17.92 -6.45
C LEU B 114 -19.28 17.80 -5.15
N GLN B 115 -20.60 17.75 -5.25
CA GLN B 115 -21.45 17.63 -4.07
C GLN B 115 -22.24 16.32 -4.15
N GLU B 116 -22.53 15.89 -5.37
CA GLU B 116 -23.28 14.66 -5.61
C GLU B 116 -22.47 13.69 -6.46
N PRO B 117 -22.61 12.38 -6.19
CA PRO B 117 -23.47 11.84 -5.15
C PRO B 117 -22.93 12.08 -3.74
N VAL B 118 -21.63 12.38 -3.66
CA VAL B 118 -20.98 12.66 -2.38
C VAL B 118 -20.01 13.80 -2.57
N PRO B 119 -19.77 14.59 -1.53
CA PRO B 119 -18.84 15.71 -1.67
C PRO B 119 -17.39 15.24 -1.81
N MET B 120 -16.71 15.76 -2.83
CA MET B 120 -15.31 15.40 -3.06
C MET B 120 -14.66 16.42 -3.99
N ALA B 121 -13.34 16.50 -3.92
CA ALA B 121 -12.59 17.44 -4.73
C ALA B 121 -11.57 16.76 -5.62
N PHE B 122 -11.35 17.39 -6.77
CA PHE B 122 -10.41 16.91 -7.77
C PHE B 122 -9.25 17.90 -7.85
N LEU B 123 -8.05 17.43 -7.52
CA LEU B 123 -6.86 18.27 -7.53
C LEU B 123 -5.96 17.92 -8.72
N SER B 124 -5.19 18.90 -9.19
CA SER B 124 -4.29 18.67 -10.30
C SER B 124 -3.09 17.87 -9.84
N ILE B 125 -2.50 17.11 -10.76
CA ILE B 125 -1.32 16.30 -10.48
C ILE B 125 -0.13 16.79 -11.28
N PRO B 126 0.86 17.39 -10.60
CA PRO B 126 2.05 17.90 -11.28
C PRO B 126 2.87 16.75 -11.85
N ASN B 127 3.77 17.06 -12.78
CA ASN B 127 4.60 16.03 -13.40
C ASN B 127 5.51 15.32 -12.40
N THR B 128 6.09 16.08 -11.49
CA THR B 128 7.00 15.52 -10.51
C THR B 128 6.65 16.00 -9.11
N MET B 129 7.20 15.32 -8.11
CA MET B 129 6.97 15.64 -6.72
C MET B 129 8.30 15.52 -5.98
N GLN B 130 8.39 16.10 -4.78
CA GLN B 130 9.61 16.04 -3.99
C GLN B 130 9.48 14.94 -2.94
N VAL B 131 10.48 14.07 -2.87
CA VAL B 131 10.47 12.98 -1.89
C VAL B 131 11.64 13.19 -0.94
N SER B 132 11.34 13.29 0.35
CA SER B 132 12.38 13.50 1.34
C SER B 132 12.26 12.57 2.54
N GLN B 133 13.29 12.58 3.37
CA GLN B 133 13.34 11.73 4.55
C GLN B 133 12.19 12.02 5.51
N LEU B 134 11.63 10.97 6.09
CA LEU B 134 10.53 11.12 7.02
C LEU B 134 10.92 10.67 8.44
N ARG B 135 11.68 9.60 8.52
CA ARG B 135 12.08 9.02 9.80
C ARG B 135 13.58 8.78 9.91
N LYS B 136 14.09 8.73 11.13
CA LYS B 136 15.52 8.51 11.32
C LYS B 136 15.91 7.05 11.21
N GLU B 137 14.92 6.16 11.20
CA GLU B 137 15.19 4.74 11.09
C GLU B 137 13.90 4.02 10.71
N PRO B 138 14.01 2.78 10.24
CA PRO B 138 12.83 2.02 9.84
C PRO B 138 11.92 1.49 10.96
N ARG B 139 10.65 1.34 10.60
CA ARG B 139 9.62 0.80 11.48
C ARG B 139 9.22 -0.50 10.81
N PHE B 140 9.11 -1.55 11.61
CA PHE B 140 8.75 -2.87 11.11
C PHE B 140 7.35 -3.26 11.56
N GLU B 141 6.52 -3.64 10.60
CA GLU B 141 5.15 -4.03 10.89
C GLU B 141 5.01 -5.41 11.52
N LEU B 142 4.01 -5.55 12.38
CA LEU B 142 3.73 -6.80 13.06
C LEU B 142 2.35 -6.72 13.74
N ASN B 143 1.94 -7.81 14.36
CA ASN B 143 0.65 -7.87 15.05
C ASN B 143 0.83 -8.73 16.28
N LEU B 144 1.25 -8.10 17.38
CA LEU B 144 1.48 -8.81 18.64
C LEU B 144 0.51 -8.32 19.72
N ALA B 145 -0.34 -9.22 20.19
CA ALA B 145 -1.29 -8.87 21.25
C ALA B 145 -0.53 -8.62 22.53
N GLY B 146 -1.10 -7.81 23.41
CA GLY B 146 -0.45 -7.51 24.68
C GLY B 146 -1.33 -6.69 25.60
N LYS B 147 -0.72 -6.13 26.64
CA LYS B 147 -1.44 -5.31 27.60
C LYS B 147 -0.77 -3.96 27.71
N VAL B 148 -1.56 -2.90 27.86
CA VAL B 148 -1.00 -1.57 28.02
C VAL B 148 -1.27 -1.13 29.45
N LEU B 149 -0.21 -0.72 30.13
CA LEU B 149 -0.28 -0.28 31.52
C LEU B 149 -0.06 1.22 31.66
N PHE B 150 -0.96 1.87 32.39
CA PHE B 150 -0.85 3.31 32.60
C PHE B 150 -1.43 3.60 33.96
N ASP B 151 -0.59 4.16 34.82
CA ASP B 151 -0.99 4.44 36.20
C ASP B 151 -1.62 3.17 36.74
N GLU B 152 -2.80 3.25 37.33
CA GLU B 152 -3.38 2.03 37.88
C GLU B 152 -4.19 1.15 36.92
N HIS B 153 -4.25 1.54 35.66
CA HIS B 153 -5.04 0.81 34.67
C HIS B 153 -4.29 -0.20 33.80
N ARG B 154 -5.00 -1.23 33.38
CA ARG B 154 -4.43 -2.28 32.55
C ARG B 154 -5.48 -2.61 31.49
N GLY B 155 -5.08 -2.55 30.22
CA GLY B 155 -6.01 -2.85 29.14
C GLY B 155 -5.38 -3.60 27.97
N ASP B 156 -6.21 -4.13 27.10
CA ASP B 156 -5.72 -4.86 25.93
C ASP B 156 -5.18 -3.90 24.87
N CYS B 157 -4.16 -4.36 24.16
CA CYS B 157 -3.57 -3.59 23.07
C CYS B 157 -2.96 -4.58 22.09
N GLU B 158 -2.54 -4.06 20.95
CA GLU B 158 -1.89 -4.88 19.95
C GLU B 158 -0.78 -4.04 19.36
N LEU B 159 0.44 -4.57 19.38
CA LEU B 159 1.57 -3.86 18.82
C LEU B 159 1.42 -3.97 17.30
N ARG B 160 1.50 -2.84 16.59
CA ARG B 160 1.36 -2.82 15.13
C ARG B 160 2.68 -2.59 14.38
N ASP B 161 3.63 -1.91 15.00
CA ASP B 161 4.96 -1.76 14.40
C ASP B 161 5.96 -1.50 15.51
N LEU B 162 7.22 -1.70 15.18
CA LEU B 162 8.28 -1.56 16.15
C LEU B 162 9.57 -1.10 15.49
N SER B 163 10.33 -0.29 16.22
CA SER B 163 11.60 0.20 15.75
C SER B 163 12.54 0.23 16.94
N ARG B 164 13.79 0.58 16.71
CA ARG B 164 14.75 0.64 17.80
C ARG B 164 14.37 1.70 18.83
N SER B 165 13.75 2.79 18.37
CA SER B 165 13.40 3.89 19.26
C SER B 165 11.96 4.02 19.70
N GLY B 166 11.05 3.30 19.05
CA GLY B 166 9.64 3.41 19.43
C GLY B 166 8.76 2.32 18.85
N CYS B 167 7.45 2.52 18.95
CA CYS B 167 6.49 1.55 18.45
C CYS B 167 5.12 2.18 18.29
N ARG B 168 4.24 1.44 17.67
CA ARG B 168 2.86 1.86 17.46
C ARG B 168 1.98 0.76 18.04
N PHE B 169 0.91 1.14 18.75
CA PHE B 169 0.00 0.14 19.30
C PHE B 169 -1.43 0.65 19.20
N ILE B 170 -2.36 -0.29 19.16
CA ILE B 170 -3.76 0.04 19.05
C ILE B 170 -4.53 -0.53 20.23
N THR B 171 -5.67 0.08 20.52
CA THR B 171 -6.52 -0.34 21.61
C THR B 171 -7.97 -0.25 21.18
N PRO B 172 -8.87 -0.90 21.94
CA PRO B 172 -10.30 -0.88 21.61
C PRO B 172 -10.87 0.54 21.67
N PRO B 173 -11.87 0.84 20.84
CA PRO B 173 -12.48 2.17 20.82
C PRO B 173 -13.03 2.62 22.17
N LEU B 174 -13.49 1.67 22.99
CA LEU B 174 -14.06 2.01 24.29
C LEU B 174 -13.07 1.90 25.46
N GLY B 175 -11.82 1.59 25.16
CA GLY B 175 -10.85 1.47 26.22
C GLY B 175 -10.25 2.79 26.66
N LYS B 176 -9.61 2.75 27.83
CA LYS B 176 -8.95 3.91 28.41
C LYS B 176 -8.05 4.59 27.36
N THR B 177 -8.11 5.91 27.27
CA THR B 177 -7.29 6.64 26.30
C THR B 177 -6.05 7.30 26.93
N TYR B 178 -5.09 7.67 26.08
CA TYR B 178 -3.87 8.32 26.53
C TYR B 178 -3.64 9.61 25.75
N GLN B 179 -2.90 10.54 26.34
CA GLN B 179 -2.60 11.82 25.68
C GLN B 179 -1.10 11.91 25.38
N VAL B 180 -0.74 12.78 24.46
CA VAL B 180 0.66 12.97 24.14
C VAL B 180 1.37 13.30 25.46
N GLY B 181 2.54 12.70 25.68
CA GLY B 181 3.27 12.96 26.90
C GLY B 181 3.11 11.91 27.98
N ASP B 182 2.04 11.12 27.92
CA ASP B 182 1.81 10.09 28.94
C ASP B 182 2.86 8.99 28.86
N LEU B 183 3.35 8.54 30.01
CA LEU B 183 4.35 7.47 30.08
C LEU B 183 3.60 6.16 30.30
N VAL B 184 3.68 5.24 29.34
CA VAL B 184 2.99 3.97 29.46
C VAL B 184 3.94 2.79 29.32
N ALA B 185 3.43 1.59 29.60
CA ALA B 185 4.25 0.39 29.48
C ALA B 185 3.43 -0.66 28.76
N LEU B 186 4.05 -1.35 27.81
CA LEU B 186 3.38 -2.39 27.06
C LEU B 186 4.02 -3.75 27.39
N GLU B 187 3.18 -4.71 27.77
CA GLU B 187 3.64 -6.06 28.06
C GLU B 187 3.11 -6.91 26.90
N ILE B 188 4.02 -7.21 25.97
CA ILE B 188 3.67 -7.98 24.79
C ILE B 188 3.83 -9.46 25.08
N PHE B 189 2.82 -10.26 24.74
CA PHE B 189 2.88 -11.72 24.96
C PHE B 189 3.93 -12.30 24.01
N SER B 190 4.73 -13.21 24.54
CA SER B 190 5.78 -13.86 23.76
C SER B 190 5.32 -15.10 23.00
N ASP B 191 4.03 -15.41 23.09
CA ASP B 191 3.49 -16.56 22.37
C ASP B 191 2.00 -16.37 22.06
N LEU B 192 1.50 -17.14 21.11
CA LEU B 192 0.11 -17.05 20.68
C LEU B 192 -0.91 -17.24 21.79
N ARG B 193 -0.63 -18.15 22.72
CA ARG B 193 -1.53 -18.42 23.83
C ARG B 193 -1.45 -17.35 24.91
N GLY B 194 -0.35 -16.60 24.95
CA GLY B 194 -0.20 -15.57 25.96
C GLY B 194 0.13 -16.14 27.32
N THR B 195 1.07 -17.07 27.35
CA THR B 195 1.49 -17.72 28.59
C THR B 195 2.55 -16.91 29.31
N LYS B 196 3.08 -15.89 28.63
CA LYS B 196 4.11 -15.05 29.23
C LYS B 196 4.32 -13.79 28.40
N THR B 197 5.04 -12.83 28.97
CA THR B 197 5.29 -11.59 28.26
C THR B 197 6.78 -11.26 28.13
N PHE B 198 7.11 -10.42 27.15
CA PHE B 198 8.48 -9.98 26.93
C PHE B 198 8.72 -8.84 27.90
N PRO B 199 10.00 -8.53 28.19
CA PRO B 199 10.26 -7.42 29.10
C PRO B 199 9.48 -6.24 28.51
N PRO B 200 8.87 -5.42 29.37
CA PRO B 200 8.07 -4.26 28.99
C PRO B 200 8.66 -3.19 28.07
N LEU B 201 7.83 -2.70 27.15
CA LEU B 201 8.22 -1.64 26.23
C LEU B 201 7.69 -0.36 26.88
N THR B 202 8.59 0.45 27.41
CA THR B 202 8.23 1.68 28.12
C THR B 202 8.61 2.96 27.38
N GLY B 203 7.72 3.95 27.43
CA GLY B 203 8.00 5.21 26.76
C GLY B 203 6.85 6.21 26.82
N LYS B 204 7.01 7.35 26.15
CA LYS B 204 5.97 8.37 26.17
C LYS B 204 5.20 8.46 24.86
N ILE B 205 3.90 8.68 24.98
CA ILE B 205 3.03 8.82 23.81
C ILE B 205 3.46 10.06 23.02
N CYS B 206 3.68 9.89 21.72
CA CYS B 206 4.09 10.99 20.88
C CYS B 206 3.00 11.44 19.92
N ASN B 207 2.09 10.53 19.57
CA ASN B 207 1.01 10.87 18.66
C ASN B 207 -0.13 9.88 18.81
N LEU B 208 -1.31 10.26 18.35
CA LEU B 208 -2.46 9.37 18.44
C LEU B 208 -3.47 9.68 17.35
N GLN B 209 -4.36 8.72 17.09
CA GLN B 209 -5.39 8.87 16.09
C GLN B 209 -6.46 7.81 16.30
N ARG B 210 -7.69 8.25 16.53
CA ARG B 210 -8.77 7.30 16.74
C ARG B 210 -9.39 6.96 15.40
N SER B 211 -9.72 5.69 15.19
CA SER B 211 -10.37 5.28 13.95
C SER B 211 -11.60 4.49 14.34
N LEU B 212 -12.37 4.07 13.34
CA LEU B 212 -13.60 3.31 13.59
C LEU B 212 -13.44 2.05 14.41
N HIS B 213 -12.40 1.28 14.15
CA HIS B 213 -12.21 0.01 14.84
C HIS B 213 -11.21 0.00 16.01
N HIS B 214 -10.47 1.08 16.19
CA HIS B 214 -9.49 1.12 17.27
C HIS B 214 -8.84 2.48 17.45
N ALA B 215 -8.16 2.66 18.58
CA ALA B 215 -7.45 3.89 18.87
C ALA B 215 -5.98 3.55 18.63
N ARG B 216 -5.25 4.44 17.97
CA ARG B 216 -3.86 4.20 17.67
C ARG B 216 -2.93 5.20 18.35
N TYR B 217 -1.80 4.70 18.83
CA TYR B 217 -0.81 5.53 19.50
C TYR B 217 0.60 5.22 19.02
N GLY B 218 1.41 6.27 18.96
CA GLY B 218 2.81 6.16 18.59
C GLY B 218 3.55 6.42 19.89
N LEU B 219 4.59 5.65 20.15
CA LEU B 219 5.35 5.78 21.39
C LEU B 219 6.85 5.91 21.13
N GLU B 220 7.55 6.63 22.00
CA GLU B 220 9.00 6.79 21.87
C GLU B 220 9.57 6.25 23.18
N PHE B 221 10.44 5.25 23.07
CA PHE B 221 11.00 4.61 24.26
C PHE B 221 11.98 5.40 25.09
N ASN B 222 12.03 5.07 26.37
CA ASN B 222 13.02 5.67 27.26
C ASN B 222 14.13 4.60 27.21
N GLU B 223 15.18 4.77 27.99
CA GLU B 223 16.31 3.84 28.01
C GLU B 223 15.86 2.39 28.17
N GLU B 224 15.10 2.13 29.22
CA GLU B 224 14.60 0.79 29.48
C GLU B 224 13.88 0.26 28.25
N GLY B 225 13.05 1.11 27.67
CA GLY B 225 12.29 0.72 26.49
C GLY B 225 13.18 0.32 25.32
N ARG B 226 14.20 1.11 25.04
CA ARG B 226 15.11 0.81 23.94
C ARG B 226 15.77 -0.56 24.13
N ASN B 227 16.20 -0.82 25.37
CA ASN B 227 16.84 -2.10 25.70
C ASN B 227 15.91 -3.28 25.45
N ASN B 228 14.67 -3.17 25.91
CA ASN B 228 13.70 -4.26 25.74
C ASN B 228 13.21 -4.39 24.30
N ALA B 229 13.22 -3.29 23.57
CA ALA B 229 12.80 -3.29 22.17
C ALA B 229 13.86 -4.03 21.36
N LYS B 230 15.13 -3.83 21.73
CA LYS B 230 16.23 -4.48 21.02
C LYS B 230 16.09 -5.99 21.22
N ASN B 231 15.74 -6.37 22.44
CA ASN B 231 15.56 -7.78 22.81
C ASN B 231 14.42 -8.43 22.03
N LEU B 232 13.31 -7.71 21.92
CA LEU B 232 12.14 -8.21 21.22
C LEU B 232 12.39 -8.39 19.73
N LEU B 233 12.95 -7.36 19.09
CA LEU B 233 13.24 -7.42 17.67
C LEU B 233 14.13 -8.62 17.33
N ALA B 234 15.08 -8.91 18.20
CA ALA B 234 15.99 -10.03 17.98
C ALA B 234 15.31 -11.39 17.94
N GLN B 235 14.08 -11.46 18.44
CA GLN B 235 13.36 -12.74 18.45
C GLN B 235 12.28 -12.87 17.39
N LEU B 236 12.20 -11.90 16.49
CA LEU B 236 11.18 -11.93 15.45
C LEU B 236 11.73 -12.32 14.07
N LYS B 237 10.89 -12.95 13.26
CA LYS B 237 11.27 -13.38 11.92
C LYS B 237 10.40 -12.64 10.90
N PHE B 238 10.93 -12.42 9.70
CA PHE B 238 10.17 -11.73 8.66
C PHE B 238 9.60 -12.74 7.66
N ASN B 239 8.28 -12.90 7.66
CA ASN B 239 7.62 -13.86 6.79
C ASN B 239 7.30 -13.31 5.40
N GLY B 240 7.87 -12.15 5.06
CA GLY B 240 7.62 -11.57 3.76
C GLY B 240 6.58 -10.47 3.79
N THR B 241 5.71 -10.52 4.79
CA THR B 241 4.66 -9.52 4.94
C THR B 241 4.92 -8.66 6.18
N LYS B 242 5.52 -9.26 7.20
CA LYS B 242 5.81 -8.56 8.44
C LYS B 242 6.54 -9.46 9.44
N LEU B 243 6.93 -8.93 10.58
CA LEU B 243 7.62 -9.71 11.61
C LEU B 243 6.61 -10.46 12.46
N THR B 244 6.95 -11.67 12.86
CA THR B 244 6.05 -12.49 13.68
C THR B 244 6.82 -13.28 14.72
N LEU B 245 6.10 -13.77 15.73
CA LEU B 245 6.72 -14.57 16.80
C LEU B 245 7.19 -15.90 16.23
N ASN B 246 8.29 -16.42 16.75
CA ASN B 246 8.83 -17.71 16.30
C ASN B 246 7.97 -18.85 16.85
P1 C2E C . 2.11 -19.12 -12.42
O2P C2E C . 1.89 -17.68 -12.84
O1P C2E C . 2.38 -20.05 -13.56
O5' C2E C . 3.33 -19.26 -11.42
C5' C2E C . 3.69 -20.54 -10.94
C4' C2E C . 4.86 -20.42 -9.98
O4' C2E C . 5.93 -19.69 -10.61
C3' C2E C . 4.51 -19.62 -8.74
O3' C2E C . 3.87 -20.44 -7.75
C2' C2E C . 5.85 -19.08 -8.36
O2' C2E C . 6.54 -20.06 -7.58
C1' C2E C . 6.58 -18.84 -9.66
N9 C2E C . 6.39 -17.45 -10.09
C8 C2E C . 5.70 -17.05 -11.17
N7 C2E C . 5.71 -15.71 -11.27
C5 C2E C . 6.42 -15.24 -10.24
C6 C2E C . 6.81 -13.91 -9.75
O6 C2E C . 6.48 -12.87 -10.37
N1 C2E C . 7.55 -13.83 -8.63
C2 C2E C . 7.93 -14.94 -7.95
N2 C2E C . 8.66 -14.81 -6.83
N3 C2E C . 7.59 -16.20 -8.35
C4 C2E C . 6.85 -16.40 -9.47
P11 C2E C . 2.80 -19.58 -6.93
O21 C2E C . 3.49 -18.37 -6.38
O11 C2E C . 2.27 -20.45 -5.83
O5A C2E C . 1.63 -19.17 -7.91
C5A C2E C . 0.83 -20.19 -8.52
C4A C2E C . -0.21 -19.59 -9.43
O4A C2E C . -1.06 -18.66 -8.72
C3A C2E C . 0.40 -18.79 -10.57
O3A C2E C . 0.76 -19.64 -11.68
C2A C2E C . -0.70 -17.82 -10.89
O2A C2E C . -1.59 -18.42 -11.84
C1A C2E C . -1.41 -17.55 -9.56
N91 C2E C . -0.89 -16.30 -8.98
C81 C2E C . 0.05 -16.18 -8.02
N71 C2E C . 0.30 -14.89 -7.73
C51 C2E C . -0.49 -14.14 -8.51
C61 C2E C . -0.74 -12.70 -8.74
O61 C2E C . -0.13 -11.83 -8.10
N11 C2E C . -1.65 -12.36 -9.67
C21 C2E C . -2.33 -13.27 -10.38
N21 C2E C . -3.24 -12.84 -11.29
N31 C2E C . -2.15 -14.61 -10.23
C41 C2E C . -1.27 -15.09 -9.34
P1 C2E D . 6.97 12.04 16.53
O2P C2E D . 5.58 11.70 16.05
O1P C2E D . 6.98 12.84 17.80
O5' C2E D . 7.82 10.72 16.81
C5' C2E D . 9.15 10.84 17.29
C4' C2E D . 9.79 9.47 17.42
O4' C2E D . 8.95 8.62 18.21
C3' C2E D . 9.94 8.77 16.06
O3' C2E D . 11.14 9.19 15.40
C2' C2E D . 9.89 7.32 16.50
O2' C2E D . 11.21 6.92 16.89
C1' C2E D . 8.95 7.30 17.69
N9 C2E D . 7.61 6.97 17.22
C8 C2E D . 6.53 7.77 17.26
N7 C2E D . 5.45 7.16 16.73
C5 C2E D . 5.84 5.93 16.36
C6 C2E D . 5.20 4.74 15.74
O6 C2E D . 3.98 4.75 15.44
N1 C2E D . 5.96 3.66 15.52
C2 C2E D . 7.27 3.63 15.84
N2 C2E D . 7.99 2.50 15.58
N3 C2E D . 7.92 4.67 16.41
C4 C2E D . 7.26 5.82 16.69
P11 C2E D . 10.97 9.24 13.79
O21 C2E D . 10.48 7.91 13.30
O11 C2E D . 12.32 9.59 13.22
O5A C2E D . 9.91 10.38 13.41
C5A C2E D . 10.18 11.73 13.77
C4A C2E D . 9.03 12.63 13.37
O4A C2E D . 8.70 12.51 11.96
C3A C2E D . 7.75 12.30 14.12
O3A C2E D . 7.72 12.92 15.41
C2A C2E D . 6.71 12.82 13.19
O2A C2E D . 6.53 14.22 13.45
C1A C2E D . 7.28 12.60 11.79
N91 C2E D . 6.75 11.34 11.26
C81 C2E D . 7.38 10.16 11.24
N71 C2E D . 6.60 9.20 10.70
C51 C2E D . 5.43 9.77 10.38
C61 C2E D . 4.16 9.33 9.77
O61 C2E D . 3.97 8.15 9.43
N11 C2E D . 3.19 10.25 9.60
C21 C2E D . 3.36 11.55 9.97
N21 C2E D . 2.34 12.41 9.75
N31 C2E D . 4.50 12.02 10.52
C41 C2E D . 5.54 11.18 10.75
#